data_7OGV
#
_entry.id   7OGV
#
_entity_poly.entity_id   1
_entity_poly.type   'polydeoxyribonucleotide'
_entity_poly.pdbx_seq_one_letter_code
;(DC)(DG)(DC)(DG)(DT)(5HC)(DG)(DA)(DC)(DG)(DC)(DG)
;
_entity_poly.pdbx_strand_id   A,B
#